data_5UXO
#
_entry.id   5UXO
#
_cell.length_a   80.240
_cell.length_b   100.120
_cell.length_c   115.600
_cell.angle_alpha   90.00
_cell.angle_beta   90.00
_cell.angle_gamma   90.00
#
_symmetry.space_group_name_H-M   'I 2 2 2'
#
loop_
_entity.id
_entity.type
_entity.pdbx_description
1 polymer 'Phospho-2-dehydro-3-deoxyheptonate aldolase'
2 non-polymer 'COBALT (II) ION'
3 non-polymer PHOSPHOENOLPYRUVATE
4 non-polymer 'CHLORIDE ION'
5 non-polymer 'ACETATE ION'
6 water water
#
_entity_poly.entity_id   1
_entity_poly.type   'polypeptide(L)'
_entity_poly.pdbx_seq_one_letter_code
;GSGSGASQSWSPESWRAKPIQQQPEYPDAAHLARVEQTLAGYPPLVFAGEARELRRQFAEVTAGRAFLLQGGDCAESFAE
FSAAKIRDTFKVLLQMAVVMTFAAGCPVVKVGRMAGQFAKPRSSGDETQNGVTLPAYRGDIVNGIGFDEKSRVPDPERLL
QAYHQSTASLNLLRAFAQGGFADLHQVHRWNLDFIANSALAERYQQLADRIDETLAFMRACGLDSAPQLRETSFFTAHEA
LLLNYEEALTRRDSLTGEWYDCSAHMLWIGDRTRQIDGAHVEMLRGVGNPIGVKVGPSMDSEELIRLIDILNPDNDPGRL
NLIVRMGADKVGDHLPRLIQAIQREGRQVLWSSDPMHGNTIKASSGYKTRDFARVLAEVRQFFEVHQAEGSYAGGIHIEM
TGQNVTECIGGSRPITEDGLSDRYHTHCDPRLNADQSLELAFLIAETLKQVRR
;
_entity_poly.pdbx_strand_id   A
#
loop_
_chem_comp.id
_chem_comp.type
_chem_comp.name
_chem_comp.formula
ACT non-polymer 'ACETATE ION' 'C2 H3 O2 -1'
CL non-polymer 'CHLORIDE ION' 'Cl -1'
CO non-polymer 'COBALT (II) ION' 'Co 2'
PEP non-polymer PHOSPHOENOLPYRUVATE 'C3 H5 O6 P'
#
# COMPACT_ATOMS: atom_id res chain seq x y z
N SER A 9 24.31 11.45 11.48
CA SER A 9 24.62 10.98 10.11
C SER A 9 23.99 9.61 9.90
N TRP A 10 23.57 9.38 8.67
CA TRP A 10 22.77 8.21 8.32
C TRP A 10 23.54 7.44 7.27
N SER A 11 23.34 6.14 7.20
CA SER A 11 23.85 5.37 6.08
C SER A 11 22.90 4.22 5.84
N PRO A 12 23.02 3.56 4.70
CA PRO A 12 22.15 2.45 4.44
C PRO A 12 22.18 1.39 5.53
N GLU A 13 23.19 1.37 6.38
CA GLU A 13 23.23 0.34 7.40
C GLU A 13 23.14 0.81 8.83
N SER A 14 22.89 2.10 9.05
CA SER A 14 22.84 2.57 10.38
C SER A 14 21.65 1.98 11.16
N TRP A 15 20.67 1.44 10.48
CA TRP A 15 19.60 0.71 11.17
C TRP A 15 20.09 -0.48 12.02
N ARG A 16 21.20 -1.11 11.62
CA ARG A 16 21.74 -2.29 12.32
C ARG A 16 22.19 -1.99 13.77
N ALA A 17 22.51 -0.73 14.05
CA ALA A 17 22.86 -0.27 15.39
C ALA A 17 21.65 -0.04 16.34
N LYS A 18 20.43 0.01 15.80
CA LYS A 18 19.27 0.26 16.66
C LYS A 18 18.62 -1.04 17.13
N PRO A 19 17.91 -0.97 18.26
CA PRO A 19 17.02 -2.07 18.63
C PRO A 19 15.96 -2.26 17.55
N ILE A 20 15.45 -3.49 17.44
CA ILE A 20 14.69 -3.88 16.29
C ILE A 20 13.70 -4.98 16.58
N GLN A 21 12.48 -4.78 16.09
CA GLN A 21 11.42 -5.80 16.11
C GLN A 21 11.30 -6.61 14.82
N GLN A 22 10.71 -7.79 14.98
CA GLN A 22 10.10 -8.54 13.89
C GLN A 22 11.11 -9.13 12.92
N GLN A 23 12.40 -9.18 13.30
CA GLN A 23 13.43 -9.70 12.40
C GLN A 23 13.58 -11.21 12.63
N PRO A 24 13.69 -12.00 11.55
CA PRO A 24 13.85 -13.42 11.68
C PRO A 24 15.29 -13.78 12.13
N GLU A 25 15.44 -14.98 12.69
CA GLU A 25 16.75 -15.46 13.09
C GLU A 25 17.28 -16.41 12.03
N TYR A 26 18.33 -15.99 11.37
CA TYR A 26 18.91 -16.76 10.30
C TYR A 26 19.98 -17.69 10.85
N PRO A 27 20.03 -18.94 10.36
CA PRO A 27 20.97 -19.93 10.90
C PRO A 27 22.45 -19.70 10.57
N ASP A 28 22.70 -19.01 9.46
CA ASP A 28 24.03 -18.84 8.92
C ASP A 28 24.23 -17.38 8.54
N ALA A 29 24.96 -16.66 9.39
CA ALA A 29 25.19 -15.23 9.17
C ALA A 29 25.93 -14.95 7.88
N ALA A 30 26.95 -15.74 7.59
CA ALA A 30 27.79 -15.56 6.41
C ALA A 30 27.06 -15.87 5.12
N HIS A 31 26.19 -16.88 5.14
CA HIS A 31 25.36 -17.16 4.01
C HIS A 31 24.44 -15.94 3.75
N LEU A 32 23.79 -15.44 4.79
CA LEU A 32 22.94 -14.27 4.67
C LEU A 32 23.70 -13.09 4.07
N ALA A 33 24.91 -12.85 4.58
CA ALA A 33 25.73 -11.79 4.03
C ALA A 33 26.02 -11.99 2.55
N ARG A 34 26.26 -13.22 2.12
CA ARG A 34 26.55 -13.43 0.70
C ARG A 34 25.34 -13.09 -0.20
N VAL A 35 24.13 -13.47 0.20
CA VAL A 35 22.95 -13.14 -0.55
C VAL A 35 22.66 -11.59 -0.59
N GLU A 36 22.85 -10.86 0.49
CA GLU A 36 22.57 -9.37 0.61
C GLU A 36 23.35 -8.52 -0.38
N GLN A 37 24.40 -9.20 -0.66
CA GLN A 37 25.44 -8.78 -1.46
C GLN A 37 25.35 -9.10 -2.95
N THR A 38 24.97 -10.30 -3.31
CA THR A 38 24.48 -10.55 -4.63
C THR A 38 23.37 -9.58 -5.00
N LEU A 39 22.49 -9.34 -4.04
CA LEU A 39 21.33 -8.45 -4.25
C LEU A 39 21.72 -6.98 -4.34
N ALA A 40 22.79 -6.56 -3.64
CA ALA A 40 23.29 -5.20 -3.78
C ALA A 40 23.78 -4.86 -5.17
N GLY A 41 24.20 -5.88 -5.91
CA GLY A 41 24.69 -5.74 -7.29
C GLY A 41 23.58 -5.84 -8.36
N TYR A 42 22.36 -6.23 -7.98
CA TYR A 42 21.24 -6.33 -8.91
C TYR A 42 20.64 -4.96 -9.23
N PRO A 43 20.06 -4.80 -10.41
CA PRO A 43 19.47 -3.52 -10.72
C PRO A 43 18.29 -3.18 -9.77
N PRO A 44 18.02 -1.89 -9.58
CA PRO A 44 16.92 -1.40 -8.78
C PRO A 44 15.57 -1.57 -9.43
N LEU A 45 14.53 -1.68 -8.60
CA LEU A 45 13.17 -1.87 -9.09
C LEU A 45 12.65 -0.58 -9.65
N VAL A 46 13.09 0.54 -9.06
CA VAL A 46 12.69 1.87 -9.50
C VAL A 46 13.91 2.80 -9.56
N PHE A 47 13.67 3.90 -10.27
CA PHE A 47 14.62 4.95 -10.58
C PHE A 47 14.24 6.10 -9.66
N ALA A 48 15.22 6.75 -9.07
CA ALA A 48 15.01 7.80 -8.10
C ALA A 48 14.15 8.97 -8.56
N GLY A 49 14.28 9.35 -9.82
CA GLY A 49 13.44 10.40 -10.37
C GLY A 49 11.97 10.06 -10.19
N GLU A 50 11.63 8.78 -10.26
CA GLU A 50 10.22 8.36 -10.19
C GLU A 50 9.68 8.59 -8.79
N ALA A 51 10.53 8.33 -7.79
CA ALA A 51 10.15 8.51 -6.41
C ALA A 51 9.94 9.98 -6.12
N ARG A 52 10.71 10.83 -6.80
CA ARG A 52 10.50 12.27 -6.67
C ARG A 52 9.18 12.69 -7.34
N GLU A 53 8.85 12.09 -8.46
CA GLU A 53 7.54 12.31 -9.05
C GLU A 53 6.42 11.95 -8.04
N LEU A 54 6.53 10.83 -7.35
CA LEU A 54 5.45 10.46 -6.40
C LEU A 54 5.33 11.42 -5.25
N ARG A 55 6.47 11.95 -4.80
CA ARG A 55 6.46 13.00 -3.83
C ARG A 55 5.68 14.21 -4.32
N ARG A 56 5.99 14.64 -5.53
CA ARG A 56 5.25 15.70 -6.20
C ARG A 56 3.72 15.44 -6.14
N GLN A 57 3.29 14.26 -6.56
CA GLN A 57 1.88 13.90 -6.52
C GLN A 57 1.32 13.85 -5.09
N PHE A 58 2.14 13.35 -4.15
CA PHE A 58 1.75 13.36 -2.75
C PHE A 58 1.44 14.79 -2.24
N ALA A 59 2.23 15.78 -2.67
CA ALA A 59 2.05 17.14 -2.22
C ALA A 59 0.73 17.72 -2.76
N GLU A 60 0.33 17.30 -3.96
CA GLU A 60 -1.02 17.59 -4.46
C GLU A 60 -2.12 17.03 -3.60
N VAL A 61 -1.98 15.78 -3.22
CA VAL A 61 -2.99 15.15 -2.38
C VAL A 61 -3.07 15.91 -1.04
N THR A 62 -1.90 16.17 -0.46
CA THR A 62 -1.83 16.81 0.83
C THR A 62 -2.48 18.23 0.91
N ALA A 63 -2.40 18.96 -0.20
CA ALA A 63 -2.98 20.27 -0.38
C ALA A 63 -4.46 20.25 -0.77
N GLY A 64 -5.02 19.06 -1.00
CA GLY A 64 -6.42 18.89 -1.21
C GLY A 64 -6.80 18.89 -2.66
N ARG A 65 -5.82 18.73 -3.55
CA ARG A 65 -6.03 18.74 -4.99
C ARG A 65 -5.93 17.38 -5.68
N ALA A 66 -5.73 16.31 -4.91
CA ALA A 66 -5.83 14.94 -5.42
C ALA A 66 -6.16 13.95 -4.30
N PHE A 67 -6.34 12.68 -4.65
CA PHE A 67 -6.66 11.67 -3.67
C PHE A 67 -5.80 10.44 -3.93
N LEU A 68 -5.39 9.77 -2.86
CA LEU A 68 -4.48 8.63 -2.96
C LEU A 68 -5.25 7.30 -2.89
N LEU A 69 -5.04 6.49 -3.89
CA LEU A 69 -5.58 5.13 -4.00
C LEU A 69 -4.41 4.15 -3.93
N GLN A 70 -4.33 3.46 -2.79
CA GLN A 70 -3.33 2.47 -2.54
C GLN A 70 -4.03 1.15 -2.24
N GLY A 71 -3.62 0.13 -2.96
CA GLY A 71 -4.29 -1.13 -2.93
C GLY A 71 -3.42 -2.24 -3.50
N GLY A 72 -3.58 -3.43 -2.95
CA GLY A 72 -2.97 -4.63 -3.51
C GLY A 72 -3.02 -5.77 -2.50
N ASP A 73 -1.98 -6.59 -2.50
CA ASP A 73 -1.98 -7.79 -1.65
C ASP A 73 -1.77 -7.51 -0.20
N CYS A 74 -2.28 -8.42 0.62
CA CYS A 74 -1.81 -8.59 2.01
CA CYS A 74 -1.81 -8.64 1.99
C CYS A 74 -0.31 -8.98 2.04
N ALA A 75 0.02 -10.01 1.27
CA ALA A 75 1.36 -10.39 1.18
C ALA A 75 1.41 -11.33 0.03
N GLU A 76 2.14 -10.92 -0.98
CA GLU A 76 2.33 -11.70 -2.19
C GLU A 76 2.99 -13.01 -1.85
N SER A 77 2.78 -14.05 -2.65
CA SER A 77 3.43 -15.34 -2.43
C SER A 77 4.10 -15.94 -3.68
N PHE A 78 5.05 -16.83 -3.45
CA PHE A 78 5.69 -17.53 -4.58
C PHE A 78 4.73 -18.45 -5.34
N ALA A 79 3.74 -18.98 -4.63
CA ALA A 79 2.79 -19.92 -5.22
C ALA A 79 1.76 -19.27 -6.15
N GLU A 80 1.57 -17.97 -6.04
CA GLU A 80 0.62 -17.20 -6.83
C GLU A 80 1.37 -16.14 -7.60
N PHE A 81 2.09 -16.53 -8.62
CA PHE A 81 2.88 -15.58 -9.35
C PHE A 81 2.51 -15.84 -10.79
N SER A 82 1.47 -15.13 -11.21
CA SER A 82 0.98 -15.27 -12.57
C SER A 82 0.63 -13.90 -13.08
N ALA A 83 0.85 -13.69 -14.38
CA ALA A 83 0.33 -12.55 -15.11
C ALA A 83 -1.15 -12.30 -14.85
N ALA A 84 -1.94 -13.35 -14.78
CA ALA A 84 -3.39 -13.19 -14.57
C ALA A 84 -3.74 -12.49 -13.28
N LYS A 85 -3.07 -12.89 -12.19
CA LYS A 85 -3.31 -12.31 -10.90
C LYS A 85 -2.84 -10.85 -10.83
N ILE A 86 -1.64 -10.55 -11.33
CA ILE A 86 -1.15 -9.19 -11.43
C ILE A 86 -2.15 -8.32 -12.30
N ARG A 87 -2.47 -8.81 -13.48
CA ARG A 87 -3.43 -8.11 -14.35
C ARG A 87 -4.78 -7.83 -13.66
N ASP A 88 -5.34 -8.83 -13.00
CA ASP A 88 -6.67 -8.64 -12.44
C ASP A 88 -6.68 -7.70 -11.26
N THR A 89 -5.63 -7.68 -10.47
CA THR A 89 -5.53 -6.75 -9.37
C THR A 89 -5.35 -5.33 -9.89
N PHE A 90 -4.70 -5.21 -11.04
CA PHE A 90 -4.43 -3.91 -11.62
C PHE A 90 -5.73 -3.37 -12.22
N LYS A 91 -6.51 -4.26 -12.80
CA LYS A 91 -7.83 -3.93 -13.33
C LYS A 91 -8.67 -3.37 -12.26
N VAL A 92 -8.64 -3.97 -11.07
CA VAL A 92 -9.46 -3.47 -10.00
C VAL A 92 -9.00 -2.08 -9.61
N LEU A 93 -7.72 -1.80 -9.63
CA LEU A 93 -7.24 -0.47 -9.32
C LEU A 93 -7.67 0.56 -10.37
N LEU A 94 -7.54 0.23 -11.63
CA LEU A 94 -8.02 1.11 -12.67
C LEU A 94 -9.47 1.43 -12.57
N GLN A 95 -10.31 0.44 -12.35
CA GLN A 95 -11.70 0.66 -12.10
C GLN A 95 -12.02 1.69 -11.05
N MET A 96 -11.49 1.50 -9.85
CA MET A 96 -11.64 2.34 -8.71
C MET A 96 -11.21 3.78 -8.96
N ALA A 97 -10.05 3.91 -9.58
CA ALA A 97 -9.49 5.21 -9.93
C ALA A 97 -10.33 5.95 -10.97
N VAL A 98 -10.79 5.26 -11.99
CA VAL A 98 -11.58 5.89 -13.00
C VAL A 98 -12.95 6.38 -12.43
N VAL A 99 -13.52 5.58 -11.54
CA VAL A 99 -14.74 5.93 -10.88
C VAL A 99 -14.56 7.18 -10.06
N MET A 100 -13.53 7.21 -9.22
CA MET A 100 -13.27 8.36 -8.39
C MET A 100 -12.90 9.60 -9.19
N THR A 101 -12.07 9.41 -10.22
CA THR A 101 -11.58 10.54 -10.98
C THR A 101 -12.78 11.20 -11.67
N PHE A 102 -13.62 10.41 -12.31
CA PHE A 102 -14.75 10.95 -13.07
C PHE A 102 -15.86 11.52 -12.19
N ALA A 103 -16.41 10.73 -11.28
CA ALA A 103 -17.54 11.23 -10.46
C ALA A 103 -17.17 12.47 -9.65
N ALA A 104 -15.92 12.57 -9.22
CA ALA A 104 -15.44 13.62 -8.35
C ALA A 104 -14.53 14.66 -8.98
N GLY A 105 -14.16 14.50 -10.24
CA GLY A 105 -13.33 15.49 -10.92
C GLY A 105 -11.99 15.72 -10.26
N CYS A 106 -11.38 14.63 -9.79
CA CYS A 106 -10.25 14.66 -8.86
C CYS A 106 -9.14 13.76 -9.36
N PRO A 107 -7.95 14.28 -9.57
CA PRO A 107 -6.84 13.37 -9.90
C PRO A 107 -6.67 12.33 -8.78
N VAL A 108 -6.39 11.10 -9.17
CA VAL A 108 -6.17 10.01 -8.24
C VAL A 108 -4.77 9.42 -8.43
N VAL A 109 -4.00 9.43 -7.35
CA VAL A 109 -2.64 8.92 -7.41
C VAL A 109 -2.75 7.42 -7.16
N LYS A 110 -2.24 6.61 -8.09
CA LYS A 110 -2.28 5.17 -7.98
C LYS A 110 -1.00 4.48 -7.48
N VAL A 111 -1.10 3.87 -6.30
CA VAL A 111 -0.04 3.11 -5.67
C VAL A 111 -0.49 1.65 -5.41
N GLY A 112 0.16 0.70 -6.08
CA GLY A 112 -0.02 -0.72 -5.82
C GLY A 112 0.80 -1.28 -4.67
N ARG A 113 0.14 -1.96 -3.72
CA ARG A 113 0.85 -2.84 -2.78
C ARG A 113 1.25 -4.11 -3.52
N MET A 114 2.33 -4.02 -4.28
CA MET A 114 2.64 -5.01 -5.30
C MET A 114 4.14 -4.95 -5.60
N ALA A 115 4.66 -5.98 -6.24
CA ALA A 115 6.06 -6.05 -6.60
C ALA A 115 7.05 -5.78 -5.45
N GLY A 116 6.80 -6.44 -4.33
CA GLY A 116 7.64 -6.35 -3.15
C GLY A 116 7.01 -6.49 -1.79
N GLN A 117 5.70 -6.68 -1.68
CA GLN A 117 4.99 -6.74 -0.40
C GLN A 117 4.93 -8.21 0.02
N PHE A 118 6.01 -8.74 0.53
CA PHE A 118 6.15 -10.18 0.77
C PHE A 118 6.20 -10.46 2.24
N ALA A 119 6.91 -9.65 3.00
CA ALA A 119 7.07 -9.80 4.42
C ALA A 119 5.88 -9.47 5.33
N LYS A 120 5.71 -10.29 6.35
CA LYS A 120 4.62 -10.16 7.29
C LYS A 120 5.07 -9.94 8.68
N PRO A 121 4.47 -8.84 9.32
CA PRO A 121 4.76 -8.79 10.75
C PRO A 121 3.88 -9.76 11.52
N ARG A 122 4.35 -10.24 12.65
CA ARG A 122 3.49 -11.16 13.42
C ARG A 122 3.38 -10.77 14.88
N SER A 123 2.27 -11.20 15.50
CA SER A 123 2.02 -11.01 16.93
C SER A 123 3.06 -11.77 17.75
N SER A 124 3.33 -12.98 17.31
CA SER A 124 4.07 -13.95 18.08
C SER A 124 5.29 -14.36 17.19
N GLY A 125 6.52 -14.46 17.74
CA GLY A 125 7.73 -14.95 17.02
C GLY A 125 7.78 -16.47 16.74
N ASP A 126 6.81 -17.20 17.28
CA ASP A 126 6.71 -18.61 16.95
C ASP A 126 5.28 -19.08 17.06
N GLU A 127 5.08 -20.35 16.71
CA GLU A 127 3.79 -20.94 16.56
C GLU A 127 3.85 -22.37 17.02
N THR A 128 2.82 -22.81 17.74
CA THR A 128 2.81 -24.16 18.28
C THR A 128 1.61 -24.96 17.82
N GLN A 129 1.87 -26.18 17.37
CA GLN A 129 0.86 -27.10 16.92
C GLN A 129 1.11 -28.52 17.45
N ASN A 130 0.33 -28.94 18.44
CA ASN A 130 0.39 -30.28 19.01
C ASN A 130 1.77 -30.61 19.54
N GLY A 131 2.22 -29.76 20.45
CA GLY A 131 3.48 -29.97 21.12
C GLY A 131 4.75 -29.65 20.37
N VAL A 132 4.64 -29.23 19.10
CA VAL A 132 5.81 -28.84 18.31
C VAL A 132 5.84 -27.33 18.11
N THR A 133 7.00 -26.73 18.34
CA THR A 133 7.14 -25.28 18.29
C THR A 133 8.22 -24.89 17.27
N LEU A 134 7.83 -24.05 16.32
CA LEU A 134 8.67 -23.68 15.18
C LEU A 134 8.59 -22.18 15.00
N PRO A 135 9.61 -21.60 14.34
CA PRO A 135 9.58 -20.17 14.01
C PRO A 135 8.34 -19.80 13.14
N ALA A 136 7.78 -18.64 13.42
CA ALA A 136 6.53 -18.22 12.80
C ALA A 136 6.76 -17.94 11.31
N TYR A 137 5.74 -18.17 10.50
CA TYR A 137 5.78 -17.75 9.07
C TYR A 137 5.78 -16.21 8.97
N ARG A 138 6.81 -15.64 8.33
CA ARG A 138 7.00 -14.17 8.24
C ARG A 138 6.89 -13.66 6.80
N GLY A 139 6.18 -14.42 5.95
CA GLY A 139 6.20 -14.17 4.51
C GLY A 139 7.26 -14.96 3.71
N ASP A 140 6.98 -15.14 2.42
CA ASP A 140 7.78 -16.05 1.56
C ASP A 140 9.20 -15.52 1.35
N ILE A 141 9.37 -14.22 1.49
CA ILE A 141 10.72 -13.62 1.45
C ILE A 141 11.66 -14.16 2.57
N VAL A 142 11.07 -14.73 3.61
CA VAL A 142 11.79 -15.17 4.80
C VAL A 142 11.74 -16.69 4.89
N ASN A 143 10.51 -17.22 4.86
CA ASN A 143 10.34 -18.65 5.02
C ASN A 143 9.01 -19.05 4.46
N GLY A 144 8.71 -20.36 4.52
CA GLY A 144 7.50 -20.93 3.93
C GLY A 144 6.35 -21.14 4.91
N ILE A 145 5.15 -21.25 4.38
CA ILE A 145 3.93 -21.31 5.18
C ILE A 145 3.75 -22.66 5.86
N GLY A 146 4.25 -23.73 5.23
CA GLY A 146 4.17 -25.09 5.76
C GLY A 146 4.72 -25.28 7.16
N PHE A 147 3.98 -26.02 7.99
CA PHE A 147 4.40 -26.30 9.37
C PHE A 147 5.38 -27.47 9.47
N ASP A 148 6.67 -27.14 9.31
CA ASP A 148 7.76 -28.11 9.28
C ASP A 148 9.10 -27.33 9.26
N GLU A 149 10.10 -27.83 9.97
CA GLU A 149 11.45 -27.23 10.14
C GLU A 149 12.10 -26.62 8.89
N LYS A 150 12.18 -27.40 7.83
CA LYS A 150 12.78 -26.94 6.60
C LYS A 150 12.07 -25.67 6.04
N SER A 151 10.74 -25.70 6.03
CA SER A 151 9.97 -24.54 5.64
C SER A 151 10.25 -23.31 6.50
N ARG A 152 10.23 -23.51 7.80
CA ARG A 152 10.27 -22.42 8.77
C ARG A 152 11.58 -21.81 9.15
N VAL A 153 12.67 -22.48 8.86
CA VAL A 153 13.94 -21.93 9.12
C VAL A 153 14.16 -20.87 8.06
N PRO A 154 14.41 -19.63 8.45
CA PRO A 154 14.68 -18.57 7.51
C PRO A 154 15.73 -18.95 6.48
N ASP A 155 15.40 -18.74 5.22
CA ASP A 155 16.30 -19.08 4.14
C ASP A 155 16.63 -17.81 3.36
N PRO A 156 17.88 -17.33 3.46
CA PRO A 156 18.21 -16.08 2.79
C PRO A 156 18.14 -16.09 1.24
N GLU A 157 18.15 -17.26 0.60
CA GLU A 157 17.97 -17.34 -0.84
C GLU A 157 16.58 -16.77 -1.24
N ARG A 158 15.64 -16.78 -0.31
CA ARG A 158 14.32 -16.25 -0.56
C ARG A 158 14.28 -14.75 -0.82
N LEU A 159 15.32 -14.05 -0.39
CA LEU A 159 15.49 -12.66 -0.69
C LEU A 159 15.58 -12.47 -2.16
N LEU A 160 16.33 -13.36 -2.83
CA LEU A 160 16.48 -13.29 -4.29
C LEU A 160 15.22 -13.72 -4.99
N GLN A 161 14.57 -14.79 -4.53
CA GLN A 161 13.37 -15.18 -5.19
C GLN A 161 12.35 -14.01 -5.11
N ALA A 162 12.27 -13.36 -3.99
CA ALA A 162 11.35 -12.23 -3.86
C ALA A 162 11.69 -11.07 -4.82
N TYR A 163 12.98 -10.75 -4.94
CA TYR A 163 13.47 -9.79 -5.93
C TYR A 163 13.06 -10.16 -7.36
N HIS A 164 13.29 -11.40 -7.74
CA HIS A 164 12.93 -11.83 -9.05
C HIS A 164 11.46 -11.79 -9.35
N GLN A 165 10.64 -12.14 -8.37
CA GLN A 165 9.23 -12.06 -8.57
C GLN A 165 8.88 -10.56 -8.75
N SER A 166 9.56 -9.69 -8.02
CA SER A 166 9.20 -8.25 -8.06
C SER A 166 9.53 -7.59 -9.41
N THR A 167 10.66 -7.94 -10.04
CA THR A 167 11.02 -7.31 -11.31
C THR A 167 10.06 -7.83 -12.35
N ALA A 168 9.73 -9.12 -12.33
CA ALA A 168 8.75 -9.65 -13.23
C ALA A 168 7.40 -8.95 -13.12
N SER A 169 6.96 -8.71 -11.88
CA SER A 169 5.67 -8.08 -11.60
C SER A 169 5.64 -6.63 -11.98
N LEU A 170 6.68 -5.88 -11.59
CA LEU A 170 6.73 -4.49 -11.92
C LEU A 170 6.90 -4.31 -13.42
N ASN A 171 7.71 -5.14 -14.04
CA ASN A 171 7.89 -5.02 -15.49
C ASN A 171 6.56 -5.12 -16.26
N LEU A 172 5.76 -6.10 -15.87
CA LEU A 172 4.46 -6.28 -16.46
C LEU A 172 3.53 -5.14 -16.09
N LEU A 173 3.60 -4.64 -14.89
CA LEU A 173 2.70 -3.52 -14.48
C LEU A 173 3.01 -2.26 -15.22
N ARG A 174 4.30 -1.96 -15.37
CA ARG A 174 4.74 -0.85 -16.18
C ARG A 174 4.26 -0.94 -17.62
N ALA A 175 4.31 -2.12 -18.19
CA ALA A 175 3.85 -2.36 -19.55
C ALA A 175 2.32 -2.17 -19.76
N PHE A 176 1.55 -2.66 -18.81
CA PHE A 176 0.12 -2.45 -18.78
C PHE A 176 -0.21 -0.95 -18.70
N ALA A 177 0.46 -0.27 -17.75
CA ALA A 177 0.18 1.14 -17.49
C ALA A 177 0.53 2.04 -18.70
N GLN A 178 1.67 1.79 -19.35
CA GLN A 178 2.10 2.64 -20.44
C GLN A 178 1.83 2.16 -21.83
N GLY A 179 1.75 0.84 -22.04
CA GLY A 179 1.69 0.29 -23.34
C GLY A 179 0.28 0.07 -23.91
N GLY A 180 -0.76 0.61 -23.26
CA GLY A 180 -2.12 0.57 -23.87
C GLY A 180 -3.24 -0.10 -23.06
N PHE A 181 -2.89 -0.82 -21.99
CA PHE A 181 -3.89 -1.57 -21.21
C PHE A 181 -4.73 -0.61 -20.39
N ALA A 182 -4.11 0.48 -19.96
CA ALA A 182 -4.74 1.51 -19.14
C ALA A 182 -5.32 2.68 -19.92
N ASP A 183 -5.22 2.65 -21.25
CA ASP A 183 -5.90 3.58 -22.19
C ASP A 183 -7.42 3.67 -21.85
N LEU A 184 -7.93 4.87 -21.69
CA LEU A 184 -9.29 5.07 -21.19
C LEU A 184 -10.38 4.49 -22.06
N HIS A 185 -10.07 4.26 -23.33
CA HIS A 185 -10.95 3.53 -24.22
C HIS A 185 -11.15 2.07 -23.77
N GLN A 186 -10.29 1.58 -22.87
CA GLN A 186 -10.43 0.22 -22.36
C GLN A 186 -11.22 0.17 -21.10
N VAL A 187 -11.86 1.27 -20.74
CA VAL A 187 -12.63 1.33 -19.55
C VAL A 187 -13.59 0.15 -19.25
N HIS A 188 -14.24 -0.41 -20.27
CA HIS A 188 -15.19 -1.55 -20.06
C HIS A 188 -14.49 -2.84 -19.68
N ARG A 189 -13.43 -3.16 -20.42
CA ARG A 189 -12.63 -4.37 -20.23
C ARG A 189 -11.93 -4.42 -18.88
N TRP A 190 -11.87 -3.31 -18.13
CA TRP A 190 -11.38 -3.36 -16.74
C TRP A 190 -12.39 -3.99 -15.74
N ASN A 191 -13.68 -4.05 -16.06
CA ASN A 191 -14.60 -4.74 -15.16
C ASN A 191 -14.35 -6.20 -15.30
N LEU A 192 -14.14 -6.84 -14.18
CA LEU A 192 -13.86 -8.24 -14.13
C LEU A 192 -15.15 -8.99 -14.32
N ASP A 193 -15.06 -10.22 -14.82
CA ASP A 193 -16.24 -11.02 -15.09
C ASP A 193 -17.21 -11.05 -13.90
N PHE A 194 -16.62 -11.35 -12.75
CA PHE A 194 -17.19 -11.42 -11.41
C PHE A 194 -18.31 -10.45 -11.10
N ILE A 195 -18.05 -9.24 -11.51
CA ILE A 195 -18.93 -8.14 -11.21
C ILE A 195 -19.98 -8.17 -12.31
N ALA A 196 -20.52 -9.38 -12.53
CA ALA A 196 -21.46 -9.68 -13.61
C ALA A 196 -22.87 -9.07 -13.52
N ASN A 197 -23.54 -9.19 -12.39
CA ASN A 197 -24.98 -9.00 -12.37
C ASN A 197 -25.55 -8.05 -11.42
N SER A 198 -24.74 -7.53 -10.52
CA SER A 198 -25.30 -6.77 -9.43
C SER A 198 -25.80 -5.53 -10.10
N ALA A 199 -26.47 -4.72 -9.34
CA ALA A 199 -26.76 -3.41 -9.77
C ALA A 199 -25.40 -2.72 -10.02
N LEU A 200 -24.41 -3.22 -9.31
CA LEU A 200 -23.09 -2.67 -9.29
C LEU A 200 -22.37 -2.78 -10.59
N ALA A 201 -22.34 -3.96 -11.18
CA ALA A 201 -21.71 -4.10 -12.46
C ALA A 201 -22.34 -3.13 -13.42
N GLU A 202 -23.55 -2.77 -13.12
CA GLU A 202 -24.32 -1.87 -13.87
C GLU A 202 -24.12 -0.46 -13.41
N ARG A 203 -23.78 -0.19 -12.14
CA ARG A 203 -23.60 1.23 -11.92
C ARG A 203 -22.32 1.64 -12.73
N TYR A 204 -21.38 0.71 -12.89
CA TYR A 204 -20.09 0.99 -13.47
C TYR A 204 -20.21 1.04 -14.98
N GLN A 205 -21.10 0.20 -15.51
CA GLN A 205 -21.33 0.18 -16.94
C GLN A 205 -21.83 1.55 -17.45
N GLN A 206 -22.71 2.19 -16.70
CA GLN A 206 -23.16 3.52 -17.02
C GLN A 206 -22.03 4.53 -16.90
N LEU A 207 -21.25 4.49 -15.82
CA LEU A 207 -20.18 5.46 -15.68
C LEU A 207 -19.24 5.29 -16.87
N ALA A 208 -18.98 4.05 -17.22
CA ALA A 208 -18.16 3.75 -18.36
C ALA A 208 -18.75 4.30 -19.69
N ASP A 209 -20.06 4.16 -19.90
CA ASP A 209 -20.67 4.70 -21.12
C ASP A 209 -20.45 6.23 -21.15
N ARG A 210 -20.66 6.90 -20.02
CA ARG A 210 -20.40 8.32 -19.90
C ARG A 210 -19.00 8.69 -20.36
N ILE A 211 -18.04 7.86 -19.95
CA ILE A 211 -16.62 8.11 -20.27
C ILE A 211 -16.41 7.98 -21.76
N ASP A 212 -17.06 7.01 -22.36
CA ASP A 212 -17.09 6.86 -23.81
C ASP A 212 -17.61 8.12 -24.46
N GLU A 213 -18.66 8.69 -23.88
CA GLU A 213 -19.26 9.89 -24.41
C GLU A 213 -18.30 11.06 -24.27
N THR A 214 -17.73 11.19 -23.09
CA THR A 214 -16.68 12.17 -22.89
C THR A 214 -15.54 12.13 -23.94
N LEU A 215 -15.06 10.93 -24.23
CA LEU A 215 -14.00 10.76 -25.20
C LEU A 215 -14.42 10.99 -26.67
N ALA A 216 -15.60 10.52 -27.04
CA ALA A 216 -16.20 10.91 -28.30
C ALA A 216 -16.27 12.44 -28.45
N PHE A 217 -16.65 13.11 -27.38
CA PHE A 217 -16.78 14.60 -27.37
C PHE A 217 -15.44 15.26 -27.59
N MET A 218 -14.44 14.74 -26.90
CA MET A 218 -13.05 15.16 -27.13
CA MET A 218 -13.07 15.17 -27.19
C MET A 218 -12.47 14.86 -28.58
N ARG A 219 -12.74 13.70 -29.14
CA ARG A 219 -12.32 13.61 -30.50
C ARG A 219 -13.22 14.54 -31.30
N ALA A 220 -14.48 14.67 -31.05
CA ALA A 220 -15.15 15.67 -31.85
C ALA A 220 -14.53 17.09 -31.76
N CYS A 221 -13.98 17.44 -30.61
CA CYS A 221 -13.31 18.75 -30.37
C CYS A 221 -11.87 18.79 -30.89
N GLY A 222 -11.30 17.64 -31.24
CA GLY A 222 -9.95 17.57 -31.77
C GLY A 222 -8.92 17.33 -30.68
N LEU A 223 -9.17 16.35 -29.81
CA LEU A 223 -8.29 15.97 -28.73
C LEU A 223 -8.09 14.47 -28.69
N ASP A 224 -8.38 13.81 -29.80
CA ASP A 224 -8.24 12.37 -29.87
C ASP A 224 -6.83 11.83 -29.61
N SER A 225 -5.82 12.65 -29.79
CA SER A 225 -4.46 12.17 -29.71
C SER A 225 -3.66 12.39 -28.40
N ALA A 226 -4.30 12.79 -27.30
CA ALA A 226 -3.52 13.14 -26.10
C ALA A 226 -2.89 11.90 -25.42
N PRO A 227 -1.56 11.93 -25.17
CA PRO A 227 -0.99 10.76 -24.50
C PRO A 227 -1.56 10.49 -23.14
N GLN A 228 -2.12 11.50 -22.51
CA GLN A 228 -2.67 11.34 -21.21
C GLN A 228 -3.94 10.52 -21.12
N LEU A 229 -4.56 10.23 -22.25
CA LEU A 229 -5.67 9.33 -22.30
C LEU A 229 -5.23 7.91 -22.62
N ARG A 230 -4.01 7.73 -23.07
CA ARG A 230 -3.54 6.41 -23.42
C ARG A 230 -2.77 5.70 -22.37
N GLU A 231 -2.19 6.43 -21.46
CA GLU A 231 -1.40 5.86 -20.42
C GLU A 231 -1.67 6.45 -19.08
N THR A 232 -1.25 5.77 -18.05
CA THR A 232 -1.39 6.35 -16.72
C THR A 232 -0.19 6.06 -15.89
N SER A 233 -0.09 6.77 -14.78
CA SER A 233 0.99 6.62 -13.82
C SER A 233 0.64 5.55 -12.80
N PHE A 234 1.65 4.77 -12.46
CA PHE A 234 1.50 3.73 -11.50
C PHE A 234 2.78 3.53 -10.70
N PHE A 235 2.61 3.45 -9.39
CA PHE A 235 3.66 3.43 -8.43
C PHE A 235 3.50 2.19 -7.57
N THR A 236 4.57 1.72 -6.94
CA THR A 236 4.51 0.57 -6.06
C THR A 236 4.94 0.96 -4.67
N ALA A 237 4.49 0.17 -3.71
CA ALA A 237 4.78 0.39 -2.32
C ALA A 237 4.75 -0.90 -1.56
N HIS A 238 5.54 -0.98 -0.50
CA HIS A 238 5.42 -2.07 0.50
C HIS A 238 5.89 -1.62 1.86
N GLU A 239 5.52 -2.40 2.88
CA GLU A 239 6.07 -2.18 4.20
C GLU A 239 7.51 -2.57 4.15
N ALA A 240 8.35 -1.61 4.51
CA ALA A 240 9.75 -1.84 4.73
C ALA A 240 9.86 -2.51 6.07
N LEU A 241 9.87 -3.85 6.04
CA LEU A 241 9.94 -4.64 7.27
C LEU A 241 11.27 -5.36 7.39
N LEU A 242 11.61 -6.11 6.35
CA LEU A 242 12.90 -6.79 6.28
C LEU A 242 13.99 -5.83 5.82
N LEU A 243 14.71 -5.28 6.78
CA LEU A 243 15.65 -4.20 6.45
C LEU A 243 16.90 -4.64 5.67
N ASN A 244 17.16 -5.95 5.64
CA ASN A 244 18.23 -6.54 4.84
C ASN A 244 17.97 -6.29 3.37
N TYR A 245 16.76 -6.58 2.95
CA TYR A 245 16.30 -6.46 1.58
C TYR A 245 16.33 -4.98 1.18
N GLU A 246 15.74 -4.14 2.01
CA GLU A 246 15.69 -2.72 1.74
C GLU A 246 17.10 -2.11 1.58
N GLU A 247 17.98 -2.39 2.53
CA GLU A 247 19.34 -1.86 2.46
C GLU A 247 20.02 -2.18 1.15
N ALA A 248 19.94 -3.44 0.75
CA ALA A 248 20.59 -3.91 -0.44
C ALA A 248 20.08 -3.21 -1.70
N LEU A 249 18.78 -2.87 -1.71
CA LEU A 249 18.13 -2.16 -2.84
C LEU A 249 18.08 -0.64 -2.62
N THR A 250 18.87 -0.13 -1.66
CA THR A 250 19.03 1.27 -1.46
C THR A 250 20.27 1.78 -2.17
N ARG A 251 20.09 2.76 -3.04
CA ARG A 251 21.10 3.22 -3.99
C ARG A 251 21.15 4.73 -4.03
N ARG A 252 22.27 5.27 -4.43
CA ARG A 252 22.38 6.70 -4.58
C ARG A 252 21.91 7.16 -5.92
N ASP A 253 21.14 8.23 -5.93
CA ASP A 253 20.79 8.89 -7.14
C ASP A 253 22.03 9.51 -7.75
N SER A 254 22.34 9.18 -8.98
CA SER A 254 23.52 9.71 -9.61
C SER A 254 23.49 11.22 -9.78
N LEU A 255 22.33 11.76 -10.08
CA LEU A 255 22.18 13.16 -10.24
C LEU A 255 22.38 13.96 -8.97
N THR A 256 21.80 13.54 -7.88
CA THR A 256 21.85 14.30 -6.66
C THR A 256 22.74 13.76 -5.55
N GLY A 257 23.28 12.60 -5.74
CA GLY A 257 23.98 11.89 -4.66
C GLY A 257 23.12 11.44 -3.47
N GLU A 258 21.79 11.62 -3.52
CA GLU A 258 20.94 11.31 -2.35
C GLU A 258 20.46 9.87 -2.36
N TRP A 259 20.37 9.26 -1.18
CA TRP A 259 20.03 7.85 -1.09
C TRP A 259 18.50 7.69 -1.30
N TYR A 260 18.12 6.70 -2.11
CA TYR A 260 16.74 6.27 -2.27
C TYR A 260 16.67 4.80 -2.05
N ASP A 261 15.60 4.35 -1.42
CA ASP A 261 15.32 2.93 -1.34
C ASP A 261 14.59 2.62 -2.62
N CYS A 262 15.29 1.89 -3.51
CA CYS A 262 14.79 1.64 -4.84
C CYS A 262 14.15 0.26 -4.97
N SER A 263 13.78 -0.37 -3.87
CA SER A 263 12.94 -1.57 -3.89
C SER A 263 11.53 -1.24 -4.34
N ALA A 264 11.11 0.01 -4.11
CA ALA A 264 9.78 0.47 -4.44
C ALA A 264 9.74 2.00 -4.41
N HIS A 265 8.68 2.58 -4.96
CA HIS A 265 8.51 4.03 -4.95
C HIS A 265 8.25 4.56 -3.54
N MET A 266 7.35 3.90 -2.82
CA MET A 266 7.01 4.30 -1.47
C MET A 266 7.24 3.18 -0.46
N LEU A 267 7.77 3.54 0.69
CA LEU A 267 7.89 2.60 1.78
C LEU A 267 7.11 3.10 2.96
N TRP A 268 6.65 2.15 3.78
CA TRP A 268 5.92 2.47 5.00
C TRP A 268 6.36 1.63 6.15
N ILE A 269 6.16 2.18 7.35
CA ILE A 269 6.49 1.50 8.61
C ILE A 269 5.21 0.96 9.26
N GLY A 270 5.25 -0.28 9.72
CA GLY A 270 4.11 -0.88 10.37
C GLY A 270 3.80 -0.34 11.77
N ASP A 271 2.62 -0.66 12.24
CA ASP A 271 2.22 -0.26 13.57
C ASP A 271 3.07 -0.90 14.69
N ARG A 272 3.58 -2.10 14.43
CA ARG A 272 4.38 -2.81 15.42
C ARG A 272 5.86 -2.52 15.33
N THR A 273 6.30 -1.76 14.33
CA THR A 273 7.72 -1.51 14.15
C THR A 273 8.04 -0.05 14.06
N ARG A 274 7.21 0.81 14.61
CA ARG A 274 7.38 2.25 14.49
C ARG A 274 8.00 2.94 15.66
N GLN A 275 8.78 2.20 16.42
CA GLN A 275 9.44 2.73 17.55
C GLN A 275 10.32 3.84 17.14
N ILE A 276 10.22 4.89 17.89
CA ILE A 276 10.91 6.10 17.63
C ILE A 276 12.39 5.91 17.68
N ASP A 277 12.85 5.02 18.52
CA ASP A 277 14.25 4.74 18.64
C ASP A 277 14.64 3.46 17.93
N GLY A 278 13.72 2.97 17.14
CA GLY A 278 13.92 1.68 16.46
C GLY A 278 14.61 1.76 15.11
N ALA A 279 14.93 0.59 14.57
CA ALA A 279 15.65 0.42 13.29
C ALA A 279 14.88 0.88 12.04
N HIS A 280 13.59 0.57 11.99
CA HIS A 280 12.75 0.89 10.88
C HIS A 280 12.67 2.40 10.71
N VAL A 281 12.37 3.11 11.78
CA VAL A 281 12.36 4.58 11.69
C VAL A 281 13.75 5.11 11.31
N GLU A 282 14.84 4.45 11.76
CA GLU A 282 16.17 4.91 11.40
C GLU A 282 16.41 4.75 9.93
N MET A 283 15.99 3.60 9.38
CA MET A 283 16.18 3.35 7.96
C MET A 283 15.51 4.40 7.09
N LEU A 284 14.20 4.57 7.27
CA LEU A 284 13.42 5.42 6.37
C LEU A 284 13.71 6.89 6.60
N ARG A 285 14.25 7.21 7.78
CA ARG A 285 14.62 8.57 8.11
C ARG A 285 15.58 9.20 7.09
N GLY A 286 16.39 8.39 6.40
CA GLY A 286 17.50 8.95 5.57
C GLY A 286 17.38 8.71 4.08
N VAL A 287 16.24 8.17 3.65
CA VAL A 287 16.03 7.95 2.24
C VAL A 287 15.15 9.06 1.72
N GLY A 288 15.24 9.24 0.43
CA GLY A 288 14.51 10.31 -0.25
C GLY A 288 13.09 9.96 -0.71
N ASN A 289 12.71 8.70 -0.69
CA ASN A 289 11.35 8.27 -1.01
C ASN A 289 10.22 9.00 -0.28
N PRO A 290 9.08 9.13 -0.94
CA PRO A 290 7.91 9.34 -0.09
C PRO A 290 7.65 8.12 0.76
N ILE A 291 7.17 8.34 1.96
CA ILE A 291 6.99 7.25 2.89
C ILE A 291 5.71 7.37 3.73
N GLY A 292 5.35 6.28 4.41
CA GLY A 292 4.16 6.23 5.26
C GLY A 292 4.43 5.61 6.59
N VAL A 293 3.52 5.83 7.55
CA VAL A 293 3.56 5.18 8.85
C VAL A 293 2.16 4.73 9.20
N LYS A 294 2.01 3.47 9.58
CA LYS A 294 0.75 2.99 10.10
C LYS A 294 0.46 3.61 11.45
N VAL A 295 -0.72 4.20 11.59
CA VAL A 295 -1.08 4.87 12.85
C VAL A 295 -2.29 4.17 13.43
N GLY A 296 -2.07 3.33 14.44
CA GLY A 296 -3.11 2.57 15.11
C GLY A 296 -3.51 3.16 16.47
N PRO A 297 -4.38 2.44 17.22
CA PRO A 297 -5.06 2.99 18.40
C PRO A 297 -4.11 3.36 19.51
N SER A 298 -2.96 2.68 19.54
CA SER A 298 -1.93 2.90 20.51
C SER A 298 -1.16 4.23 20.33
N MET A 299 -1.34 4.96 19.23
CA MET A 299 -0.64 6.24 19.04
C MET A 299 -1.29 7.41 19.77
N ASP A 300 -0.52 8.09 20.59
CA ASP A 300 -0.92 9.38 21.19
C ASP A 300 -0.25 10.49 20.41
N SER A 301 -0.58 11.73 20.76
CA SER A 301 -0.29 12.87 19.90
C SER A 301 1.15 13.34 20.06
N GLU A 302 1.66 13.22 21.28
CA GLU A 302 3.08 13.42 21.60
C GLU A 302 4.02 12.53 20.76
N GLU A 303 3.84 11.22 20.85
CA GLU A 303 4.62 10.30 20.07
C GLU A 303 4.50 10.67 18.60
N LEU A 304 3.27 10.83 18.11
CA LEU A 304 3.06 11.26 16.73
C LEU A 304 3.92 12.45 16.33
N ILE A 305 3.94 13.50 17.15
CA ILE A 305 4.72 14.70 16.78
C ILE A 305 6.23 14.43 16.73
N ARG A 306 6.68 13.54 17.59
CA ARG A 306 8.08 13.23 17.69
C ARG A 306 8.46 12.44 16.47
N LEU A 307 7.60 11.52 16.09
CA LEU A 307 7.80 10.68 14.94
C LEU A 307 7.92 11.54 13.68
N ILE A 308 7.03 12.50 13.56
CA ILE A 308 7.09 13.43 12.44
C ILE A 308 8.34 14.33 12.44
N ASP A 309 8.79 14.76 13.60
CA ASP A 309 10.05 15.52 13.68
C ASP A 309 11.20 14.73 13.07
N ILE A 310 11.17 13.41 13.25
CA ILE A 310 12.20 12.53 12.72
C ILE A 310 12.06 12.21 11.23
N LEU A 311 10.84 11.91 10.79
CA LEU A 311 10.64 11.45 9.40
C LEU A 311 10.39 12.57 8.42
N ASN A 312 10.09 13.77 8.92
CA ASN A 312 9.89 14.93 8.06
C ASN A 312 10.32 16.21 8.77
N PRO A 313 11.62 16.31 9.11
CA PRO A 313 12.19 17.52 9.72
C PRO A 313 11.87 18.80 8.96
N ASP A 314 11.99 18.78 7.63
CA ASP A 314 11.72 19.95 6.80
C ASP A 314 10.26 20.25 6.53
N ASN A 315 9.36 19.43 7.07
CA ASN A 315 7.91 19.62 6.95
C ASN A 315 7.45 19.79 5.50
N ASP A 316 7.98 18.94 4.66
CA ASP A 316 7.70 18.91 3.27
C ASP A 316 6.33 18.21 3.04
N PRO A 317 5.43 18.82 2.22
CA PRO A 317 4.12 18.22 2.06
C PRO A 317 4.08 16.98 1.14
N GLY A 318 5.17 16.71 0.44
CA GLY A 318 5.27 15.48 -0.31
C GLY A 318 5.81 14.27 0.41
N ARG A 319 6.26 14.41 1.65
CA ARG A 319 7.10 13.38 2.25
C ARG A 319 6.37 12.23 2.91
N LEU A 320 5.31 12.54 3.65
CA LEU A 320 4.83 11.66 4.70
C LEU A 320 3.31 11.39 4.65
N ASN A 321 2.97 10.14 4.50
CA ASN A 321 1.63 9.63 4.48
C ASN A 321 1.32 8.92 5.81
N LEU A 322 0.35 9.40 6.55
CA LEU A 322 -0.07 8.81 7.82
C LEU A 322 -1.27 7.93 7.51
N ILE A 323 -1.12 6.64 7.70
CA ILE A 323 -2.10 5.62 7.30
C ILE A 323 -2.83 5.17 8.56
N VAL A 324 -4.02 5.73 8.77
CA VAL A 324 -4.80 5.58 9.99
C VAL A 324 -5.60 4.28 9.94
N ARG A 325 -5.34 3.41 10.92
CA ARG A 325 -6.04 2.12 11.02
C ARG A 325 -6.48 1.96 12.47
N MET A 326 -7.69 2.40 12.76
CA MET A 326 -8.15 2.51 14.14
C MET A 326 -9.13 1.44 14.57
N GLY A 327 -9.90 0.90 13.63
CA GLY A 327 -11.11 0.15 13.98
C GLY A 327 -12.32 1.05 13.93
N ALA A 328 -13.44 0.52 13.45
CA ALA A 328 -14.65 1.33 13.19
C ALA A 328 -15.23 1.94 14.47
N ASP A 329 -15.11 1.23 15.58
CA ASP A 329 -15.49 1.73 16.91
C ASP A 329 -14.53 2.80 17.49
N LYS A 330 -13.25 2.77 17.10
CA LYS A 330 -12.23 3.62 17.72
C LYS A 330 -11.85 4.86 16.92
N VAL A 331 -12.09 4.87 15.63
CA VAL A 331 -11.71 6.02 14.81
C VAL A 331 -12.26 7.33 15.36
N GLY A 332 -13.51 7.30 15.83
CA GLY A 332 -14.22 8.51 16.31
C GLY A 332 -13.60 9.08 17.56
N ASP A 333 -13.23 8.18 18.47
CA ASP A 333 -12.57 8.54 19.72
C ASP A 333 -11.14 9.03 19.52
N HIS A 334 -10.36 8.32 18.74
CA HIS A 334 -8.94 8.60 18.65
C HIS A 334 -8.39 9.54 17.64
N LEU A 335 -8.99 9.62 16.48
CA LEU A 335 -8.38 10.41 15.39
C LEU A 335 -8.27 11.93 15.54
N PRO A 336 -9.23 12.56 16.06
CA PRO A 336 -9.39 13.99 16.22
C PRO A 336 -8.28 14.73 16.97
N ARG A 337 -7.96 14.12 18.09
CA ARG A 337 -6.86 14.56 18.92
C ARG A 337 -5.56 14.50 18.10
N LEU A 338 -5.40 13.45 17.32
CA LEU A 338 -4.26 13.38 16.42
C LEU A 338 -4.28 14.48 15.34
N ILE A 339 -5.43 14.72 14.72
CA ILE A 339 -5.48 15.77 13.68
C ILE A 339 -5.14 17.15 14.25
N GLN A 340 -5.63 17.36 15.48
CA GLN A 340 -5.59 18.66 16.13
C GLN A 340 -4.19 19.05 16.51
N ALA A 341 -3.45 18.06 17.02
CA ALA A 341 -2.02 18.26 17.30
C ALA A 341 -1.29 18.70 16.03
N ILE A 342 -1.55 17.97 14.95
CA ILE A 342 -0.91 18.25 13.64
C ILE A 342 -1.23 19.66 13.17
N GLN A 343 -2.52 20.00 13.23
CA GLN A 343 -2.97 21.32 12.85
C GLN A 343 -2.27 22.38 13.69
N ARG A 344 -2.33 22.18 15.00
CA ARG A 344 -1.72 23.09 15.96
C ARG A 344 -0.23 23.29 15.76
N GLU A 345 0.47 22.25 15.37
CA GLU A 345 1.89 22.39 15.05
C GLU A 345 2.17 22.73 13.58
N GLY A 346 1.12 22.94 12.79
CA GLY A 346 1.29 23.33 11.38
C GLY A 346 2.09 22.34 10.54
N ARG A 347 1.86 21.04 10.77
CA ARG A 347 2.55 20.00 10.00
C ARG A 347 1.81 19.62 8.72
N GLN A 348 2.59 19.33 7.70
CA GLN A 348 2.06 18.93 6.42
C GLN A 348 2.09 17.41 6.35
N VAL A 349 0.91 16.79 6.37
CA VAL A 349 0.80 15.35 6.19
C VAL A 349 -0.29 14.96 5.22
N LEU A 350 -0.12 13.77 4.63
CA LEU A 350 -1.17 13.18 3.82
C LEU A 350 -1.86 12.19 4.73
N TRP A 351 -3.16 12.41 5.02
CA TRP A 351 -3.96 11.45 5.81
C TRP A 351 -4.65 10.45 4.97
N SER A 352 -4.45 9.18 5.28
CA SER A 352 -5.10 8.08 4.60
C SER A 352 -5.76 7.21 5.62
N SER A 353 -6.74 6.44 5.15
CA SER A 353 -7.44 5.44 5.95
C SER A 353 -7.09 4.02 5.51
N ASP A 354 -6.51 3.24 6.41
CA ASP A 354 -6.48 1.78 6.28
C ASP A 354 -7.64 1.27 7.13
N PRO A 355 -8.77 0.97 6.51
CA PRO A 355 -9.93 0.54 7.28
C PRO A 355 -9.99 -0.94 7.40
N MET A 356 -8.86 -1.61 7.33
CA MET A 356 -8.86 -3.05 7.38
C MET A 356 -8.17 -3.63 8.59
N HIS A 357 -7.01 -3.09 8.94
CA HIS A 357 -6.12 -3.77 9.89
C HIS A 357 -6.52 -3.60 11.34
N GLY A 358 -7.42 -2.64 11.60
CA GLY A 358 -7.99 -2.41 12.89
C GLY A 358 -9.38 -3.00 13.03
N ASN A 359 -9.85 -3.71 12.00
CA ASN A 359 -11.15 -4.37 12.03
C ASN A 359 -11.03 -5.87 11.83
N THR A 360 -9.91 -6.49 12.17
CA THR A 360 -9.84 -7.94 11.95
C THR A 360 -10.17 -8.61 13.25
N ILE A 361 -10.90 -9.71 13.19
CA ILE A 361 -11.26 -10.40 14.40
C ILE A 361 -10.50 -11.72 14.39
N LYS A 362 -9.75 -12.00 15.46
CA LYS A 362 -9.03 -13.28 15.53
C LYS A 362 -9.58 -14.16 16.66
N ALA A 363 -10.31 -15.20 16.29
CA ALA A 363 -10.90 -16.12 17.26
C ALA A 363 -9.86 -17.13 17.74
N SER A 364 -10.07 -17.62 18.95
CA SER A 364 -9.19 -18.61 19.59
C SER A 364 -8.63 -19.62 18.59
N SER A 365 -9.49 -20.03 17.65
CA SER A 365 -9.11 -20.89 16.55
C SER A 365 -7.84 -20.38 15.87
N GLY A 366 -7.75 -19.07 15.71
CA GLY A 366 -6.67 -18.42 15.02
C GLY A 366 -7.22 -17.98 13.68
N TYR A 367 -8.54 -18.17 13.51
CA TYR A 367 -9.25 -17.85 12.29
C TYR A 367 -9.58 -16.35 12.29
N LYS A 368 -9.19 -15.65 11.23
CA LYS A 368 -9.42 -14.21 11.13
C LYS A 368 -10.65 -13.88 10.31
N THR A 369 -11.44 -12.92 10.79
CA THR A 369 -12.56 -12.39 9.99
C THR A 369 -12.60 -10.84 9.95
N ARG A 370 -13.06 -10.33 8.80
CA ARG A 370 -13.40 -8.92 8.61
C ARG A 370 -14.83 -8.83 8.06
N ASP A 371 -15.68 -8.06 8.73
CA ASP A 371 -16.99 -7.76 8.22
C ASP A 371 -16.84 -6.53 7.35
N PHE A 372 -17.22 -6.66 6.07
CA PHE A 372 -17.08 -5.58 5.13
C PHE A 372 -17.82 -4.32 5.59
N ALA A 373 -18.96 -4.51 6.27
CA ALA A 373 -19.73 -3.37 6.77
C ALA A 373 -18.93 -2.55 7.77
N ARG A 374 -18.09 -3.20 8.58
CA ARG A 374 -17.23 -2.47 9.51
C ARG A 374 -16.23 -1.61 8.73
N VAL A 375 -15.72 -2.19 7.64
CA VAL A 375 -14.77 -1.51 6.78
C VAL A 375 -15.39 -0.24 6.24
N LEU A 376 -16.62 -0.31 5.75
CA LEU A 376 -17.29 0.90 5.24
C LEU A 376 -17.56 1.90 6.33
N ALA A 377 -17.85 1.38 7.52
CA ALA A 377 -18.11 2.25 8.66
C ALA A 377 -16.86 3.04 9.03
N GLU A 378 -15.71 2.39 9.06
CA GLU A 378 -14.48 3.13 9.45
C GLU A 378 -14.18 4.20 8.42
N VAL A 379 -14.25 3.84 7.14
CA VAL A 379 -14.05 4.87 6.10
C VAL A 379 -14.99 6.07 6.27
N ARG A 380 -16.29 5.78 6.33
CA ARG A 380 -17.31 6.82 6.45
C ARG A 380 -16.97 7.67 7.65
N GLN A 381 -16.55 7.05 8.75
CA GLN A 381 -16.16 7.85 9.91
C GLN A 381 -14.88 8.68 9.72
N PHE A 382 -13.86 8.10 9.11
CA PHE A 382 -12.64 8.84 8.71
C PHE A 382 -12.97 10.10 7.94
N PHE A 383 -13.84 9.98 6.94
CA PHE A 383 -14.27 11.21 6.20
C PHE A 383 -15.00 12.18 7.14
N GLU A 384 -15.92 11.65 7.97
CA GLU A 384 -16.67 12.52 8.94
C GLU A 384 -15.73 13.30 9.82
N VAL A 385 -14.73 12.61 10.33
CA VAL A 385 -13.81 13.23 11.30
C VAL A 385 -12.99 14.35 10.68
N HIS A 386 -12.64 14.17 9.41
CA HIS A 386 -11.89 15.19 8.68
C HIS A 386 -12.79 16.34 8.37
N GLN A 387 -14.02 16.02 8.00
CA GLN A 387 -15.02 17.05 7.77
C GLN A 387 -15.06 18.01 8.96
N ALA A 388 -15.21 17.44 10.16
CA ALA A 388 -15.35 18.21 11.39
C ALA A 388 -14.15 19.04 11.80
N GLU A 389 -12.94 18.52 11.62
CA GLU A 389 -11.75 19.24 12.12
C GLU A 389 -11.20 20.27 11.16
N GLY A 390 -11.75 20.34 9.95
CA GLY A 390 -11.25 21.27 8.91
C GLY A 390 -10.04 20.76 8.15
N SER A 391 -9.80 19.44 8.15
CA SER A 391 -8.65 18.83 7.46
C SER A 391 -9.05 17.89 6.28
N TYR A 392 -8.06 17.41 5.54
CA TYR A 392 -8.34 16.69 4.30
C TYR A 392 -8.16 15.18 4.46
N ALA A 393 -9.25 14.45 4.25
CA ALA A 393 -9.20 13.00 4.09
C ALA A 393 -8.56 12.68 2.72
N GLY A 394 -7.29 12.32 2.74
CA GLY A 394 -6.43 12.33 1.58
C GLY A 394 -6.40 11.04 0.82
N GLY A 395 -6.65 9.94 1.52
CA GLY A 395 -6.35 8.66 0.92
C GLY A 395 -7.08 7.48 1.45
N ILE A 396 -7.00 6.41 0.67
CA ILE A 396 -7.48 5.11 1.05
C ILE A 396 -6.39 4.07 0.81
N HIS A 397 -6.33 3.10 1.68
CA HIS A 397 -5.28 2.11 1.69
C HIS A 397 -5.92 0.77 2.07
N ILE A 398 -6.04 -0.14 1.09
CA ILE A 398 -6.78 -1.38 1.25
C ILE A 398 -6.00 -2.59 0.70
N GLU A 399 -6.41 -3.77 1.16
CA GLU A 399 -5.99 -5.03 0.58
C GLU A 399 -7.15 -5.60 -0.21
N MET A 400 -6.83 -6.00 -1.46
CA MET A 400 -7.82 -6.42 -2.38
C MET A 400 -7.29 -7.39 -3.38
N THR A 401 -8.22 -8.01 -4.11
CA THR A 401 -7.84 -9.01 -5.10
C THR A 401 -8.78 -8.99 -6.28
N GLY A 402 -8.24 -9.22 -7.47
CA GLY A 402 -9.06 -9.49 -8.66
C GLY A 402 -9.60 -10.93 -8.77
N GLN A 403 -9.15 -11.82 -7.89
CA GLN A 403 -9.55 -13.24 -7.93
C GLN A 403 -11.01 -13.39 -7.52
N ASN A 404 -11.71 -14.39 -8.03
CA ASN A 404 -13.13 -14.58 -7.69
C ASN A 404 -13.45 -15.32 -6.37
N VAL A 405 -13.20 -14.64 -5.27
CA VAL A 405 -13.43 -15.17 -3.97
C VAL A 405 -14.24 -14.21 -3.17
N THR A 406 -14.71 -14.63 -2.01
CA THR A 406 -15.29 -13.72 -1.01
C THR A 406 -14.59 -14.03 0.31
N GLU A 407 -13.68 -13.16 0.76
CA GLU A 407 -12.89 -13.43 2.00
C GLU A 407 -13.38 -12.60 3.20
N CYS A 408 -13.98 -11.43 2.93
CA CYS A 408 -14.55 -10.56 3.97
C CYS A 408 -16.06 -10.83 4.03
N ILE A 409 -16.64 -10.75 5.20
CA ILE A 409 -18.06 -10.95 5.25
C ILE A 409 -18.79 -9.64 5.13
N GLY A 410 -20.00 -9.70 4.62
CA GLY A 410 -20.84 -8.55 4.41
C GLY A 410 -21.98 -8.93 3.47
N ARG A 423 -5.44 -19.06 3.53
CA ARG A 423 -4.15 -18.47 3.74
C ARG A 423 -4.55 -17.08 4.12
N TYR A 424 -5.68 -16.64 3.60
CA TYR A 424 -6.14 -15.30 3.96
C TYR A 424 -7.07 -15.24 5.19
N HIS A 425 -7.26 -16.36 5.87
CA HIS A 425 -8.01 -16.35 7.12
C HIS A 425 -7.12 -16.88 8.21
N THR A 426 -5.80 -16.90 8.01
CA THR A 426 -4.89 -17.38 9.05
C THR A 426 -3.57 -16.63 9.21
N HIS A 427 -2.77 -16.64 8.17
CA HIS A 427 -1.38 -16.25 8.26
C HIS A 427 -1.51 -14.75 7.84
N CYS A 428 -2.19 -14.57 6.65
CA CYS A 428 -2.91 -13.35 6.20
CA CYS A 428 -2.91 -13.34 6.18
C CYS A 428 -4.42 -13.01 6.49
N ASP A 429 -4.70 -11.75 6.27
CA ASP A 429 -5.94 -11.17 6.52
C ASP A 429 -6.77 -11.16 5.21
N PRO A 430 -8.11 -11.15 5.36
CA PRO A 430 -9.04 -11.22 4.23
C PRO A 430 -9.04 -9.96 3.37
N ARG A 431 -8.93 -10.16 2.07
CA ARG A 431 -8.86 -9.06 1.14
C ARG A 431 -10.27 -8.70 0.65
N LEU A 432 -10.45 -7.43 0.29
CA LEU A 432 -11.63 -7.05 -0.51
C LEU A 432 -11.62 -7.74 -1.87
N ASN A 433 -12.80 -8.14 -2.32
CA ASN A 433 -12.93 -8.66 -3.66
C ASN A 433 -13.30 -7.48 -4.55
N ALA A 434 -13.53 -7.77 -5.82
CA ALA A 434 -13.74 -6.74 -6.81
C ALA A 434 -15.03 -5.94 -6.60
N ASP A 435 -16.11 -6.69 -6.34
CA ASP A 435 -17.41 -6.08 -5.99
C ASP A 435 -17.26 -5.12 -4.86
N GLN A 436 -16.59 -5.56 -3.79
CA GLN A 436 -16.42 -4.76 -2.61
C GLN A 436 -15.53 -3.56 -2.91
N SER A 437 -14.46 -3.76 -3.66
CA SER A 437 -13.57 -2.62 -4.02
C SER A 437 -14.32 -1.53 -4.78
N LEU A 438 -15.20 -1.96 -5.67
CA LEU A 438 -16.02 -1.02 -6.43
C LEU A 438 -17.04 -0.24 -5.61
N GLU A 439 -17.72 -0.91 -4.67
CA GLU A 439 -18.72 -0.26 -3.83
C GLU A 439 -17.99 0.75 -3.04
N LEU A 440 -16.78 0.42 -2.63
CA LEU A 440 -16.03 1.36 -1.88
C LEU A 440 -15.65 2.53 -2.71
N ALA A 441 -15.22 2.29 -3.95
CA ALA A 441 -14.85 3.42 -4.80
C ALA A 441 -16.03 4.39 -5.04
N PHE A 442 -17.19 3.83 -5.31
CA PHE A 442 -18.41 4.63 -5.50
C PHE A 442 -18.72 5.46 -4.28
N LEU A 443 -18.62 4.83 -3.11
CA LEU A 443 -18.79 5.54 -1.88
C LEU A 443 -17.76 6.68 -1.71
N ILE A 444 -16.51 6.39 -2.03
CA ILE A 444 -15.48 7.41 -1.85
C ILE A 444 -15.71 8.57 -2.82
N ALA A 445 -16.14 8.21 -4.02
CA ALA A 445 -16.39 9.15 -5.11
C ALA A 445 -17.47 10.17 -4.77
N GLU A 446 -18.55 9.69 -4.18
CA GLU A 446 -19.67 10.55 -3.74
C GLU A 446 -19.20 11.51 -2.69
N THR A 447 -18.55 10.96 -1.67
CA THR A 447 -18.02 11.78 -0.59
C THR A 447 -17.08 12.86 -1.07
N LEU A 448 -16.12 12.48 -1.92
CA LEU A 448 -15.20 13.45 -2.56
C LEU A 448 -15.87 14.53 -3.36
N LYS A 449 -16.92 14.13 -4.10
CA LYS A 449 -17.74 15.09 -4.84
C LYS A 449 -18.37 16.09 -3.87
N GLN A 450 -18.98 15.57 -2.82
CA GLN A 450 -19.54 16.43 -1.78
C GLN A 450 -18.47 17.38 -1.19
N VAL A 451 -17.26 16.87 -0.89
CA VAL A 451 -16.20 17.70 -0.31
C VAL A 451 -15.91 18.90 -1.23
N ARG A 452 -15.89 18.64 -2.52
CA ARG A 452 -15.44 19.60 -3.53
C ARG A 452 -16.55 20.54 -4.05
N ARG A 453 -17.81 20.23 -3.69
CA ARG A 453 -19.01 20.69 -4.39
C ARG A 453 -19.18 22.20 -4.53
CO CO B . -2.73 -7.40 5.70
C1 PEP C . -0.29 -4.43 6.65
O1 PEP C . -0.09 -5.41 5.91
O2' PEP C . -0.59 -3.30 6.21
C2 PEP C . -0.18 -4.57 8.10
C3 PEP C . 0.46 -5.61 8.63
O2 PEP C . -0.80 -3.51 8.89
P PEP C . -0.30 -2.87 10.26
O1P PEP C . -1.01 -3.78 11.27
O2P PEP C . -0.84 -1.50 10.23
O3P PEP C . 1.21 -2.80 10.37
CL CL D . -1.17 -12.81 13.28
CL CL E . 24.01 -23.28 5.78
C ACT F . -6.39 6.82 -16.69
O ACT F . -6.46 5.58 -16.77
OXT ACT F . -6.99 7.47 -15.81
CH3 ACT F . -5.61 7.59 -17.72
H1 ACT F . -6.05 7.48 -18.67
H2 ACT F . -4.63 7.22 -17.74
H3 ACT F . -5.59 8.62 -17.47
#